data_6OAE
#
_entry.id   6OAE
#
_cell.length_a   50.427
_cell.length_b   78.379
_cell.length_c   121.390
_cell.angle_alpha   90.00
_cell.angle_beta   90.00
_cell.angle_gamma   90.00
#
_symmetry.space_group_name_H-M   'I 2 2 2'
#
loop_
_entity.id
_entity.type
_entity.pdbx_description
1 polymer 'Mucin-like protocadherin'
2 non-polymer 2-AMINO-2-HYDROXYMETHYL-PROPANE-1,3-DIOL
3 non-polymer 'CALCIUM ION'
4 water water
#
_entity_poly.entity_id   1
_entity_poly.type   'polypeptide(L)'
_entity_poly.pdbx_seq_one_letter_code
;MQAQYCSVNKDIFEVEENTNVTEPLVDIHVPEGQEVTLGALSTPFAFRIQGNQLFLNVTPDYEEKSLLEAQLLCQSGGTL
VTQLRVFVSVLDVNDNAPEFPFKTKEIRVEEDTKVNSTVIPETQLQAEDRDKDDILFYTLQEMTAGASDYFSLVSVNRPA
LRLDRPLDFYERPNMTFWLLVRDTPGENVEPSHTATATLVLNVVPADLEHHHHHH
;
_entity_poly.pdbx_strand_id   A
#
loop_
_chem_comp.id
_chem_comp.type
_chem_comp.name
_chem_comp.formula
CA non-polymer 'CALCIUM ION' 'Ca 2'
TRS non-polymer 2-AMINO-2-HYDROXYMETHYL-PROPANE-1,3-DIOL 'C4 H12 N O3 1'
#
# COMPACT_ATOMS: atom_id res chain seq x y z
N ALA A 3 15.76 -44.38 2.54
CA ALA A 3 15.01 -43.43 1.63
C ALA A 3 13.50 -43.67 1.75
N GLN A 4 12.99 -43.71 2.99
CA GLN A 4 11.58 -44.09 3.33
C GLN A 4 10.90 -42.94 4.08
N TYR A 5 11.30 -41.70 3.80
CA TYR A 5 10.67 -40.48 4.36
C TYR A 5 10.35 -39.53 3.21
N CYS A 6 9.14 -38.97 3.22
CA CYS A 6 8.71 -37.86 2.34
C CYS A 6 9.72 -36.73 2.43
N SER A 7 10.00 -36.07 1.31
CA SER A 7 10.90 -34.89 1.23
C SER A 7 10.47 -33.98 0.08
N VAL A 8 10.92 -32.73 0.19
CA VAL A 8 10.91 -31.69 -0.87
C VAL A 8 12.32 -31.10 -0.87
N ASN A 9 12.81 -30.72 -2.03
CA ASN A 9 14.15 -30.12 -2.22
C ASN A 9 14.08 -28.62 -1.88
N LYS A 10 12.88 -28.04 -1.80
CA LYS A 10 12.70 -26.59 -1.54
C LYS A 10 11.38 -26.42 -0.80
N ASP A 11 11.35 -25.59 0.25
CA ASP A 11 10.12 -25.44 1.06
C ASP A 11 9.84 -23.99 1.39
N ILE A 12 10.66 -23.04 0.94
CA ILE A 12 10.38 -21.57 1.09
C ILE A 12 10.38 -20.98 -0.33
N PHE A 13 9.25 -20.39 -0.70
CA PHE A 13 9.03 -19.78 -2.03
C PHE A 13 8.69 -18.31 -1.83
N GLU A 14 9.18 -17.47 -2.72
CA GLU A 14 8.82 -16.05 -2.77
C GLU A 14 8.00 -15.86 -4.02
N VAL A 15 6.80 -15.28 -3.89
CA VAL A 15 5.87 -15.05 -5.03
C VAL A 15 5.41 -13.60 -4.93
N GLU A 16 5.60 -12.81 -5.98
CA GLU A 16 5.08 -11.43 -6.04
C GLU A 16 3.56 -11.50 -6.06
N GLU A 17 2.90 -10.67 -5.28
CA GLU A 17 1.42 -10.64 -5.29
C GLU A 17 0.96 -10.35 -6.70
N ASN A 18 -0.25 -10.82 -7.04
CA ASN A 18 -0.90 -10.66 -8.38
C ASN A 18 -0.21 -11.55 -9.42
N THR A 19 0.72 -12.42 -9.06
CA THR A 19 1.31 -13.42 -9.98
C THR A 19 0.44 -14.68 -9.98
N ASN A 20 0.06 -15.13 -11.16
CA ASN A 20 -0.64 -16.42 -11.40
C ASN A 20 0.44 -17.48 -11.51
N VAL A 21 0.62 -18.33 -10.50
CA VAL A 21 1.56 -19.48 -10.63
C VAL A 21 0.71 -20.73 -10.89
N THR A 22 0.68 -21.19 -12.12
CA THR A 22 -0.09 -22.38 -12.55
C THR A 22 0.79 -23.63 -12.44
N GLU A 23 2.07 -23.49 -12.71
CA GLU A 23 3.06 -24.58 -12.68
C GLU A 23 3.25 -25.01 -11.23
N PRO A 24 3.75 -26.24 -10.99
CA PRO A 24 4.02 -26.70 -9.63
C PRO A 24 5.07 -25.85 -8.90
N LEU A 25 4.91 -25.70 -7.58
CA LEU A 25 5.95 -25.09 -6.70
C LEU A 25 7.04 -26.12 -6.47
N VAL A 26 6.65 -27.37 -6.26
CA VAL A 26 7.65 -28.40 -5.88
C VAL A 26 7.09 -29.80 -6.07
N ASP A 27 7.98 -30.71 -6.44
CA ASP A 27 7.75 -32.17 -6.47
C ASP A 27 7.89 -32.69 -5.03
N ILE A 28 6.95 -33.49 -4.58
CA ILE A 28 7.01 -34.14 -3.25
C ILE A 28 7.52 -35.55 -3.50
N HIS A 29 8.66 -35.89 -2.92
CA HIS A 29 9.21 -37.26 -2.95
CA HIS A 29 9.21 -37.27 -2.97
C HIS A 29 8.43 -38.08 -1.92
N VAL A 30 7.69 -39.08 -2.39
CA VAL A 30 6.80 -39.92 -1.55
C VAL A 30 7.32 -41.35 -1.62
N PRO A 31 7.65 -42.01 -0.49
CA PRO A 31 8.13 -43.40 -0.53
C PRO A 31 7.00 -44.31 -1.00
N GLU A 32 7.34 -45.40 -1.72
CA GLU A 32 6.35 -46.43 -2.13
C GLU A 32 5.54 -46.85 -0.89
N GLY A 33 4.21 -46.83 -0.97
CA GLY A 33 3.29 -47.24 0.11
C GLY A 33 2.76 -46.08 0.93
N GLN A 34 3.25 -44.86 0.70
CA GLN A 34 2.78 -43.63 1.41
C GLN A 34 1.96 -42.77 0.43
N GLU A 35 1.11 -41.88 0.96
CA GLU A 35 0.35 -40.87 0.19
C GLU A 35 0.49 -39.52 0.90
N VAL A 36 0.59 -38.43 0.15
CA VAL A 36 0.71 -37.06 0.73
C VAL A 36 -0.58 -36.30 0.43
N THR A 37 -1.13 -35.64 1.43
CA THR A 37 -2.35 -34.81 1.37
C THR A 37 -2.10 -33.54 2.15
N LEU A 38 -2.90 -32.49 1.93
CA LEU A 38 -2.82 -31.24 2.70
C LEU A 38 -3.46 -31.49 4.07
N GLY A 39 -2.79 -31.03 5.13
CA GLY A 39 -3.33 -31.03 6.51
C GLY A 39 -4.11 -29.77 6.80
N ALA A 40 -4.80 -29.75 7.94
CA ALA A 40 -5.74 -28.68 8.35
C ALA A 40 -5.00 -27.44 8.84
N LEU A 41 -3.68 -27.47 9.07
CA LEU A 41 -2.91 -26.23 9.39
C LEU A 41 -2.55 -25.47 8.09
N SER A 42 -2.79 -26.05 6.91
CA SER A 42 -2.62 -25.37 5.60
C SER A 42 -3.54 -24.14 5.56
N THR A 43 -3.02 -23.02 5.06
CA THR A 43 -3.82 -21.83 4.71
C THR A 43 -5.01 -22.30 3.87
N PRO A 44 -6.26 -21.99 4.27
CA PRO A 44 -7.43 -22.41 3.50
C PRO A 44 -7.44 -21.83 2.08
N PHE A 45 -7.88 -22.61 1.09
CA PHE A 45 -8.19 -22.15 -0.28
C PHE A 45 -6.97 -21.49 -0.92
N ALA A 46 -5.84 -22.16 -0.82
CA ALA A 46 -4.54 -21.64 -1.33
C ALA A 46 -3.84 -22.71 -2.16
N PHE A 47 -3.77 -23.96 -1.67
CA PHE A 47 -2.92 -25.00 -2.26
C PHE A 47 -3.74 -26.18 -2.74
N ARG A 48 -3.15 -26.95 -3.64
CA ARG A 48 -3.61 -28.33 -3.91
C ARG A 48 -2.39 -29.20 -4.15
N ILE A 49 -2.59 -30.48 -4.00
CA ILE A 49 -1.60 -31.53 -4.33
C ILE A 49 -2.26 -32.42 -5.37
N GLN A 50 -1.59 -32.59 -6.50
CA GLN A 50 -1.96 -33.51 -7.59
C GLN A 50 -0.69 -34.10 -8.17
N GLY A 51 -0.68 -35.42 -8.39
CA GLY A 51 0.48 -36.17 -8.90
C GLY A 51 1.72 -35.91 -8.05
N ASN A 52 1.57 -35.80 -6.73
CA ASN A 52 2.71 -35.62 -5.78
C ASN A 52 3.45 -34.32 -6.09
N GLN A 53 2.71 -33.29 -6.53
CA GLN A 53 3.26 -31.92 -6.74
C GLN A 53 2.38 -30.96 -5.96
N LEU A 54 2.99 -29.92 -5.37
CA LEU A 54 2.28 -28.86 -4.65
C LEU A 54 2.05 -27.70 -5.62
N PHE A 55 0.82 -27.26 -5.70
CA PHE A 55 0.40 -26.12 -6.53
C PHE A 55 -0.24 -25.04 -5.68
N LEU A 56 -0.13 -23.79 -6.13
CA LEU A 56 -0.95 -22.63 -5.70
C LEU A 56 -2.18 -22.60 -6.60
N ASN A 57 -3.40 -22.52 -6.05
CA ASN A 57 -4.65 -22.46 -6.86
C ASN A 57 -5.08 -21.01 -7.07
N VAL A 58 -4.45 -20.08 -6.36
CA VAL A 58 -4.92 -18.67 -6.25
C VAL A 58 -3.78 -17.67 -6.50
N THR A 59 -4.18 -16.46 -6.85
CA THR A 59 -3.27 -15.34 -7.12
C THR A 59 -3.17 -14.57 -5.80
N PRO A 60 -2.00 -14.57 -5.13
CA PRO A 60 -1.87 -13.94 -3.82
C PRO A 60 -2.08 -12.42 -3.83
N ASP A 61 -2.48 -11.89 -2.68
CA ASP A 61 -2.69 -10.45 -2.45
C ASP A 61 -2.04 -10.10 -1.12
N TYR A 62 -0.91 -9.40 -1.18
CA TYR A 62 -0.11 -8.98 0.00
C TYR A 62 -0.97 -8.24 1.04
N GLU A 63 -1.98 -7.47 0.60
CA GLU A 63 -2.88 -6.69 1.50
C GLU A 63 -3.90 -7.62 2.21
N GLU A 64 -4.16 -8.82 1.67
CA GLU A 64 -5.10 -9.79 2.30
C GLU A 64 -4.30 -10.75 3.19
N LYS A 65 -3.19 -11.34 2.68
CA LYS A 65 -2.39 -12.31 3.46
C LYS A 65 -1.00 -12.42 2.83
N SER A 66 0.06 -12.21 3.61
CA SER A 66 1.47 -12.10 3.14
C SER A 66 2.23 -13.44 3.27
N LEU A 67 1.66 -14.42 3.97
CA LEU A 67 2.32 -15.72 4.21
C LEU A 67 1.29 -16.84 4.05
N LEU A 68 1.58 -17.79 3.16
CA LEU A 68 0.69 -18.94 2.88
C LEU A 68 1.48 -20.17 3.33
N GLU A 69 0.83 -21.08 4.05
CA GLU A 69 1.45 -22.29 4.63
C GLU A 69 0.73 -23.51 4.09
N ALA A 70 1.48 -24.51 3.67
CA ALA A 70 0.98 -25.84 3.28
C ALA A 70 1.53 -26.84 4.28
N GLN A 71 0.64 -27.63 4.89
CA GLN A 71 1.02 -28.76 5.78
C GLN A 71 0.90 -30.01 4.93
N LEU A 72 2.01 -30.67 4.65
CA LEU A 72 2.03 -31.91 3.85
C LEU A 72 2.03 -33.06 4.85
N LEU A 73 0.99 -33.88 4.81
CA LEU A 73 0.81 -35.05 5.70
C LEU A 73 1.18 -36.27 4.88
N CYS A 74 2.21 -37.00 5.30
CA CYS A 74 2.69 -38.22 4.59
C CYS A 74 2.22 -39.46 5.35
N GLN A 75 1.15 -40.09 4.86
CA GLN A 75 0.43 -41.18 5.55
C GLN A 75 0.68 -42.51 4.83
N SER A 76 0.59 -43.62 5.57
CA SER A 76 0.66 -45.02 5.09
C SER A 76 -0.52 -45.79 5.68
N GLY A 77 -1.49 -46.18 4.84
CA GLY A 77 -2.76 -46.78 5.28
C GLY A 77 -3.57 -45.84 6.15
N GLY A 78 -3.42 -44.52 5.99
CA GLY A 78 -4.19 -43.49 6.73
C GLY A 78 -3.56 -43.09 8.06
N THR A 79 -2.40 -43.66 8.44
CA THR A 79 -1.65 -43.29 9.69
C THR A 79 -0.51 -42.33 9.31
N LEU A 80 -0.29 -41.28 10.10
CA LEU A 80 0.75 -40.24 9.81
C LEU A 80 2.17 -40.80 10.05
N VAL A 81 3.01 -40.85 9.01
CA VAL A 81 4.45 -41.23 9.09
C VAL A 81 5.23 -39.96 9.43
N THR A 82 5.19 -38.95 8.56
CA THR A 82 5.88 -37.65 8.76
C THR A 82 5.01 -36.50 8.26
N GLN A 83 5.44 -35.28 8.54
CA GLN A 83 4.79 -34.07 7.98
C GLN A 83 5.88 -33.04 7.63
N LEU A 84 5.61 -32.29 6.57
CA LEU A 84 6.50 -31.26 6.00
C LEU A 84 5.73 -29.94 6.02
N ARG A 85 6.42 -28.81 6.11
CA ARG A 85 5.80 -27.47 5.91
C ARG A 85 6.41 -26.85 4.66
N VAL A 86 5.58 -26.16 3.90
CA VAL A 86 6.02 -25.29 2.78
C VAL A 86 5.45 -23.91 3.05
N PHE A 87 6.29 -22.88 2.93
CA PHE A 87 5.89 -21.47 3.08
C PHE A 87 6.00 -20.75 1.76
N VAL A 88 4.94 -20.02 1.41
CA VAL A 88 4.99 -19.02 0.31
C VAL A 88 4.98 -17.65 0.97
N SER A 89 6.10 -16.96 0.87
CA SER A 89 6.25 -15.57 1.29
C SER A 89 5.79 -14.69 0.13
N VAL A 90 4.70 -13.94 0.32
CA VAL A 90 4.12 -13.05 -0.73
C VAL A 90 4.84 -11.70 -0.66
N LEU A 91 5.32 -11.20 -1.79
CA LEU A 91 6.08 -9.93 -1.88
C LEU A 91 5.12 -8.82 -2.29
N ASP A 92 5.22 -7.70 -1.59
CA ASP A 92 4.37 -6.52 -1.86
C ASP A 92 4.77 -5.91 -3.20
N VAL A 93 3.75 -5.51 -3.95
CA VAL A 93 3.84 -4.75 -5.22
C VAL A 93 3.11 -3.42 -4.97
N ASN A 94 3.56 -2.36 -5.62
CA ASN A 94 2.85 -1.05 -5.59
C ASN A 94 1.62 -1.19 -6.50
N ASP A 95 0.53 -1.76 -5.98
CA ASP A 95 -0.67 -2.11 -6.78
C ASP A 95 -1.90 -1.28 -6.34
N ASN A 96 -1.74 -0.32 -5.41
CA ASN A 96 -2.81 0.56 -4.89
C ASN A 96 -2.41 2.01 -5.11
N ALA A 97 -3.39 2.85 -5.47
CA ALA A 97 -3.19 4.30 -5.68
C ALA A 97 -3.49 5.02 -4.37
N PRO A 98 -2.79 6.12 -4.05
CA PRO A 98 -3.15 6.93 -2.89
C PRO A 98 -4.47 7.62 -3.23
N GLU A 99 -5.28 7.85 -2.21
CA GLU A 99 -6.60 8.50 -2.35
C GLU A 99 -6.75 9.55 -1.27
N PHE A 100 -7.14 10.76 -1.67
CA PHE A 100 -7.55 11.82 -0.73
C PHE A 100 -8.98 11.53 -0.32
N PRO A 101 -9.38 11.77 0.94
CA PRO A 101 -10.81 11.70 1.33
C PRO A 101 -11.68 12.91 0.92
N PHE A 102 -11.18 13.80 0.04
CA PHE A 102 -11.91 14.97 -0.52
C PHE A 102 -11.43 15.22 -1.95
N LYS A 103 -12.24 15.92 -2.74
CA LYS A 103 -11.91 16.34 -4.13
C LYS A 103 -11.51 17.82 -4.15
N THR A 104 -12.39 18.68 -3.66
CA THR A 104 -12.16 20.13 -3.49
C THR A 104 -12.69 20.51 -2.12
N LYS A 105 -11.93 21.33 -1.39
CA LYS A 105 -12.13 21.62 0.04
C LYS A 105 -11.77 23.10 0.30
N GLU A 106 -12.55 23.80 1.14
CA GLU A 106 -12.31 25.21 1.50
CA GLU A 106 -12.30 25.22 1.50
C GLU A 106 -11.91 25.31 2.98
N ILE A 107 -10.97 26.21 3.29
CA ILE A 107 -10.55 26.54 4.68
C ILE A 107 -10.61 28.06 4.81
N ARG A 108 -11.25 28.57 5.86
CA ARG A 108 -11.27 30.01 6.17
C ARG A 108 -10.11 30.31 7.13
N VAL A 109 -9.37 31.38 6.85
CA VAL A 109 -8.15 31.76 7.63
C VAL A 109 -8.28 33.23 7.99
N GLU A 110 -8.15 33.58 9.27
CA GLU A 110 -8.24 34.99 9.70
C GLU A 110 -7.06 35.76 9.11
N GLU A 111 -7.31 36.97 8.64
CA GLU A 111 -6.28 37.85 8.04
C GLU A 111 -5.09 38.03 9.02
N ASP A 112 -5.31 38.03 10.33
CA ASP A 112 -4.25 38.36 11.32
C ASP A 112 -3.58 37.08 11.87
N THR A 113 -3.76 35.92 11.23
CA THR A 113 -3.06 34.67 11.58
C THR A 113 -1.56 34.96 11.60
N LYS A 114 -0.84 34.50 12.65
CA LYS A 114 0.61 34.76 12.81
C LYS A 114 1.38 34.03 11.71
N VAL A 115 2.36 34.70 11.09
CA VAL A 115 3.25 34.09 10.06
C VAL A 115 3.97 32.89 10.72
N ASN A 116 4.18 31.81 9.95
CA ASN A 116 4.79 30.51 10.38
C ASN A 116 3.79 29.62 11.11
N SER A 117 2.53 30.02 11.25
CA SER A 117 1.46 29.21 11.89
C SER A 117 1.15 28.04 10.97
N THR A 118 0.90 26.86 11.53
CA THR A 118 0.21 25.78 10.79
C THR A 118 -1.24 26.21 10.64
N VAL A 119 -1.78 26.22 9.42
CA VAL A 119 -3.20 26.61 9.16
C VAL A 119 -4.03 25.37 8.83
N ILE A 120 -3.42 24.33 8.24
CA ILE A 120 -4.11 23.02 8.01
C ILE A 120 -3.15 21.95 8.52
N PRO A 121 -3.55 21.13 9.51
CA PRO A 121 -2.69 20.07 10.00
C PRO A 121 -2.69 18.91 8.99
N GLU A 122 -1.63 18.10 9.07
CA GLU A 122 -1.39 16.88 8.26
C GLU A 122 -2.67 16.02 8.19
N THR A 123 -3.41 15.88 9.30
CA THR A 123 -4.63 15.03 9.40
C THR A 123 -5.74 15.46 8.43
N GLN A 124 -5.82 16.74 8.10
CA GLN A 124 -6.87 17.28 7.20
C GLN A 124 -6.44 17.16 5.73
N LEU A 125 -5.15 16.97 5.43
CA LEU A 125 -4.67 16.91 4.01
C LEU A 125 -4.22 15.52 3.59
N GLN A 126 -3.82 14.66 4.51
CA GLN A 126 -3.13 13.38 4.16
C GLN A 126 -4.04 12.49 3.32
N ALA A 127 -3.43 11.79 2.38
CA ALA A 127 -4.06 10.71 1.61
C ALA A 127 -3.79 9.38 2.32
N GLU A 128 -4.42 8.32 1.84
CA GLU A 128 -4.20 6.94 2.33
CA GLU A 128 -4.24 6.93 2.33
C GLU A 128 -3.99 6.03 1.12
N ASP A 129 -3.02 5.12 1.26
CA ASP A 129 -2.63 4.15 0.22
C ASP A 129 -2.66 2.77 0.86
N ARG A 130 -3.44 1.83 0.29
CA ARG A 130 -3.60 0.46 0.85
C ARG A 130 -2.28 -0.32 0.75
N ASP A 131 -1.28 0.14 0.02
CA ASP A 131 0.12 -0.34 0.18
C ASP A 131 0.64 0.31 1.46
N LYS A 132 0.49 -0.37 2.59
CA LYS A 132 0.75 0.20 3.94
C LYS A 132 2.19 0.73 4.04
N ASP A 133 3.14 0.16 3.29
CA ASP A 133 4.58 0.51 3.38
C ASP A 133 4.93 1.71 2.50
N ASP A 134 4.02 2.17 1.62
CA ASP A 134 4.31 3.27 0.67
C ASP A 134 4.44 4.59 1.45
N ILE A 135 5.53 5.29 1.24
CA ILE A 135 5.73 6.68 1.74
C ILE A 135 5.07 7.59 0.72
N LEU A 136 4.23 8.52 1.16
CA LEU A 136 3.51 9.40 0.22
C LEU A 136 4.22 10.75 0.15
N PHE A 137 4.30 11.29 -1.05
CA PHE A 137 5.04 12.52 -1.45
C PHE A 137 4.00 13.52 -1.94
N TYR A 138 3.94 14.67 -1.28
CA TYR A 138 2.92 15.72 -1.49
C TYR A 138 3.55 16.95 -2.10
N THR A 139 2.85 17.51 -3.08
CA THR A 139 3.25 18.71 -3.82
C THR A 139 2.09 19.69 -3.82
N LEU A 140 2.39 20.98 -3.60
CA LEU A 140 1.39 22.08 -3.65
C LEU A 140 1.71 22.92 -4.88
N GLN A 141 0.73 23.09 -5.77
CA GLN A 141 0.88 23.90 -7.02
C GLN A 141 -0.17 25.01 -7.01
N GLU A 142 0.26 26.27 -7.09
CA GLU A 142 -0.70 27.40 -7.10
C GLU A 142 -1.59 27.27 -8.33
N MET A 143 -2.88 27.51 -8.14
CA MET A 143 -3.91 27.55 -9.19
C MET A 143 -4.17 29.02 -9.54
N THR A 144 -4.21 29.90 -8.53
CA THR A 144 -4.33 31.37 -8.68
C THR A 144 -2.92 31.98 -8.50
N ALA A 145 -2.54 32.92 -9.35
CA ALA A 145 -1.17 33.50 -9.40
C ALA A 145 -0.85 34.18 -8.06
N GLY A 146 0.36 33.93 -7.53
CA GLY A 146 0.84 34.53 -6.27
C GLY A 146 0.49 33.69 -5.04
N ALA A 147 -0.36 32.66 -5.16
CA ALA A 147 -0.86 31.87 -4.01
C ALA A 147 0.32 31.25 -3.23
N SER A 148 1.31 30.71 -3.93
CA SER A 148 2.49 30.06 -3.28
C SER A 148 3.35 31.08 -2.52
N ASP A 149 3.15 32.39 -2.69
CA ASP A 149 3.82 33.44 -1.88
C ASP A 149 3.33 33.33 -0.41
N TYR A 150 2.14 32.79 -0.16
CA TYR A 150 1.50 32.84 1.17
C TYR A 150 1.55 31.53 1.94
N PHE A 151 1.49 30.38 1.25
CA PHE A 151 1.37 29.05 1.89
C PHE A 151 2.31 28.05 1.24
N SER A 152 2.83 27.14 2.07
CA SER A 152 3.68 26.00 1.62
C SER A 152 3.44 24.81 2.53
N LEU A 153 3.80 23.62 2.06
CA LEU A 153 3.75 22.39 2.87
C LEU A 153 4.99 22.39 3.75
N VAL A 154 4.86 21.88 4.97
CA VAL A 154 6.03 21.78 5.87
C VAL A 154 7.10 20.93 5.21
N SER A 155 6.72 19.80 4.60
CA SER A 155 7.63 18.98 3.78
C SER A 155 6.85 18.10 2.80
N VAL A 156 7.57 17.52 1.84
CA VAL A 156 7.01 16.58 0.85
C VAL A 156 6.37 15.36 1.56
N ASN A 157 6.80 14.96 2.76
CA ASN A 157 6.19 13.80 3.46
C ASN A 157 5.30 14.21 4.67
N ARG A 158 5.25 15.50 4.99
N ARG A 158 5.26 15.49 5.02
CA ARG A 158 4.44 16.07 6.10
CA ARG A 158 4.39 16.01 6.13
C ARG A 158 3.53 17.16 5.52
C ARG A 158 3.53 17.14 5.55
N PRO A 159 2.36 16.81 4.94
CA PRO A 159 1.49 17.81 4.33
C PRO A 159 0.65 18.66 5.31
N ALA A 160 1.32 19.39 6.20
CA ALA A 160 0.70 20.46 6.98
C ALA A 160 0.89 21.72 6.16
N LEU A 161 -0.13 22.57 6.09
CA LEU A 161 -0.06 23.84 5.32
C LEU A 161 0.32 24.94 6.31
N ARG A 162 1.42 25.63 6.02
CA ARG A 162 1.99 26.71 6.86
C ARG A 162 1.73 28.06 6.18
N LEU A 163 1.37 29.08 6.96
CA LEU A 163 1.33 30.48 6.47
C LEU A 163 2.77 31.04 6.49
N ASP A 164 3.23 31.56 5.36
CA ASP A 164 4.62 32.05 5.18
C ASP A 164 4.72 33.56 5.13
N ARG A 165 3.64 34.27 4.83
CA ARG A 165 3.69 35.76 4.72
C ARG A 165 2.36 36.31 5.20
N PRO A 166 2.35 37.55 5.75
CA PRO A 166 1.11 38.13 6.23
C PRO A 166 0.02 38.14 5.15
N LEU A 167 -1.20 37.75 5.51
CA LEU A 167 -2.37 37.77 4.63
C LEU A 167 -2.87 39.20 4.52
N ASP A 168 -3.56 39.47 3.42
CA ASP A 168 -4.18 40.79 3.16
C ASP A 168 -5.50 40.52 2.44
N PHE A 169 -6.61 40.66 3.15
CA PHE A 169 -7.97 40.39 2.66
C PHE A 169 -8.29 41.20 1.39
N TYR A 170 -7.85 42.46 1.33
CA TYR A 170 -8.18 43.38 0.21
C TYR A 170 -7.42 42.94 -1.04
N GLU A 171 -6.13 42.66 -0.88
CA GLU A 171 -5.23 42.35 -2.01
C GLU A 171 -5.54 40.95 -2.52
N ARG A 172 -5.69 39.96 -1.64
CA ARG A 172 -5.85 38.55 -2.07
C ARG A 172 -6.72 37.79 -1.06
N PRO A 173 -8.06 37.87 -1.19
CA PRO A 173 -8.95 37.18 -0.26
C PRO A 173 -9.13 35.69 -0.56
N ASN A 174 -8.78 35.25 -1.77
CA ASN A 174 -8.92 33.83 -2.23
CA ASN A 174 -8.94 33.84 -2.23
C ASN A 174 -7.59 33.36 -2.79
N MET A 175 -7.14 32.18 -2.35
CA MET A 175 -5.92 31.49 -2.86
C MET A 175 -6.33 30.03 -3.11
N THR A 176 -6.15 29.54 -4.33
CA THR A 176 -6.49 28.13 -4.66
C THR A 176 -5.23 27.39 -5.07
N PHE A 177 -5.13 26.15 -4.63
CA PHE A 177 -3.99 25.24 -4.88
C PHE A 177 -4.49 23.89 -5.39
N TRP A 178 -3.68 23.28 -6.24
CA TRP A 178 -3.72 21.84 -6.53
C TRP A 178 -2.82 21.17 -5.49
N LEU A 179 -3.35 20.17 -4.80
CA LEU A 179 -2.58 19.30 -3.91
C LEU A 179 -2.42 17.97 -4.63
N LEU A 180 -1.18 17.57 -4.91
CA LEU A 180 -0.87 16.27 -5.57
C LEU A 180 -0.27 15.35 -4.54
N VAL A 181 -0.55 14.06 -4.66
CA VAL A 181 0.16 13.06 -3.84
C VAL A 181 0.60 11.95 -4.79
N ARG A 182 1.79 11.41 -4.59
CA ARG A 182 2.26 10.21 -5.33
C ARG A 182 2.82 9.25 -4.30
N ASP A 183 2.90 7.96 -4.65
CA ASP A 183 3.35 6.89 -3.72
C ASP A 183 4.79 6.48 -4.04
N THR A 184 5.55 7.29 -4.78
CA THR A 184 6.98 7.05 -5.13
C THR A 184 7.75 8.35 -4.96
N PRO A 185 9.03 8.30 -4.56
CA PRO A 185 9.83 9.51 -4.47
C PRO A 185 9.99 10.18 -5.86
N GLY A 186 10.13 9.36 -6.91
CA GLY A 186 10.34 9.79 -8.30
C GLY A 186 9.02 10.09 -8.99
N GLU A 187 9.00 11.15 -9.79
CA GLU A 187 7.78 11.59 -10.51
C GLU A 187 7.54 10.74 -11.77
N ASN A 188 8.60 10.20 -12.38
CA ASN A 188 8.55 9.60 -13.73
C ASN A 188 8.85 8.10 -13.71
N VAL A 189 8.78 7.45 -12.55
CA VAL A 189 9.06 5.98 -12.44
C VAL A 189 7.74 5.20 -12.59
N GLU A 190 7.86 3.89 -12.81
CA GLU A 190 6.75 2.92 -13.03
C GLU A 190 6.99 1.68 -12.17
N PRO A 191 6.04 1.19 -11.33
CA PRO A 191 4.72 1.81 -11.14
C PRO A 191 4.74 3.02 -10.20
N SER A 192 3.91 4.02 -10.48
CA SER A 192 3.69 5.22 -9.63
C SER A 192 2.23 5.68 -9.80
N HIS A 193 1.56 6.01 -8.70
CA HIS A 193 0.15 6.43 -8.74
C HIS A 193 0.05 7.82 -8.14
N THR A 194 -0.78 8.66 -8.74
CA THR A 194 -0.96 10.07 -8.33
C THR A 194 -2.45 10.28 -8.07
N ALA A 195 -2.77 11.08 -7.05
CA ALA A 195 -4.11 11.59 -6.75
C ALA A 195 -3.98 13.11 -6.64
N THR A 196 -5.06 13.82 -6.94
CA THR A 196 -5.11 15.29 -6.98
C THR A 196 -6.35 15.74 -6.21
N ALA A 197 -6.26 16.88 -5.56
CA ALA A 197 -7.38 17.53 -4.87
C ALA A 197 -7.15 19.04 -4.96
N THR A 198 -8.20 19.82 -4.75
CA THR A 198 -8.15 21.31 -4.78
C THR A 198 -8.29 21.81 -3.33
N LEU A 199 -7.48 22.80 -2.95
CA LEU A 199 -7.56 23.49 -1.64
C LEU A 199 -7.90 24.94 -1.93
N VAL A 200 -8.92 25.44 -1.26
CA VAL A 200 -9.34 26.86 -1.38
C VAL A 200 -9.11 27.49 -0.01
N LEU A 201 -8.23 28.48 0.05
CA LEU A 201 -7.95 29.28 1.26
C LEU A 201 -8.69 30.61 1.11
N ASN A 202 -9.66 30.85 1.99
CA ASN A 202 -10.50 32.07 1.99
CA ASN A 202 -10.50 32.08 1.98
C ASN A 202 -10.12 32.93 3.19
N VAL A 203 -9.58 34.12 2.94
CA VAL A 203 -9.13 35.04 4.01
C VAL A 203 -10.38 35.72 4.55
N VAL A 204 -10.56 35.71 5.87
CA VAL A 204 -11.71 36.41 6.50
C VAL A 204 -11.12 37.70 7.07
N PRO A 205 -11.82 38.83 6.94
CA PRO A 205 -11.29 40.11 7.44
C PRO A 205 -11.33 40.25 8.96
N ALA A 206 -10.57 41.21 9.50
CA ALA A 206 -10.72 41.76 10.87
C ALA A 206 -12.13 42.36 11.02
C TRS B . 16.15 -27.46 2.45
C1 TRS B . 14.77 -27.78 1.90
C2 TRS B . 16.88 -28.76 2.78
C3 TRS B . 16.96 -26.62 1.47
N TRS B . 15.99 -26.69 3.72
O1 TRS B . 14.10 -28.75 2.68
O2 TRS B . 16.06 -29.63 3.56
O3 TRS B . 17.28 -25.34 2.00
CA CA C . 0.52 -4.02 -2.56
CA CA D . -2.67 -6.26 -3.50
CA CA E . 0.69 2.52 -3.71
#